data_1PCM
#
_entry.id   1PCM
#
_cell.length_a   70.648
_cell.length_b   74.186
_cell.length_c   85.399
_cell.angle_alpha   90.00
_cell.angle_beta   90.00
_cell.angle_gamma   90.00
#
_symmetry.space_group_name_H-M   'P 21 21 21'
#
loop_
_entity.id
_entity.type
_entity.pdbx_description
1 polymer Phosphomannomutase
2 non-polymer 'ZINC ION'
3 non-polymer 6-O-phosphono-alpha-D-mannopyranose
4 water water
#
_entity_poly.entity_id   1
_entity_poly.type   'polypeptide(L)'
_entity_poly.pdbx_seq_one_letter_code
;MSTAKAPTLPASIFRAYDIRGVVGDTLTAETAYWIGRAIGSESLARGEPCVAVGRDGRLSGPELVKQLIQGLVDCGCQVS
DVGMVPTPVLYYAANVLEGKSGVMLTG(SEP)HNPPDYNGFKIVVAGETLANEQIQALRERIEKNDLASGVGSVEQVDIL
PRYFKQIRDDIAMAKPMKVVVDCGNGVAGVIAPQLIEALGCSVIPLYCEVDGNFPNHHPDPGKPENLKDLIAKVKAENAD
LGLAFDGDGDRVGVVTNTGTIIYPDRLLMLFAKDVVSRNPGADIIFDVKCTRRLIALISGYGGRPVMWKTGHSLIKKKMK
ETGALLAGEMSGHVFFKERWFGFDDGIYSAARLLEILSQDQRDSEHVFSAFPSDISTPEINITVTEDSKFAIIEALQRDA
QWGEGNITTLDGVRVDYPKGWGLVRASNTTPVLVLRFEADTEEELERIKTVFRNQLKAVDSSLPVPF
;
_entity_poly.pdbx_strand_id   X
#
# COMPACT_ATOMS: atom_id res chain seq x y z
N LEU A 9 -13.58 22.22 -9.10
CA LEU A 9 -12.78 20.96 -9.10
C LEU A 9 -13.67 19.74 -9.32
N PRO A 10 -13.22 18.78 -10.12
CA PRO A 10 -14.01 17.56 -10.34
C PRO A 10 -14.08 16.66 -9.10
N ALA A 11 -15.26 16.08 -8.90
CA ALA A 11 -15.51 15.23 -7.75
C ALA A 11 -14.78 13.90 -7.86
N SER A 12 -14.48 13.47 -9.08
CA SER A 12 -13.96 12.11 -9.29
C SER A 12 -12.55 11.92 -8.70
N ILE A 13 -11.79 12.99 -8.49
CA ILE A 13 -10.43 12.83 -7.96
C ILE A 13 -10.39 12.61 -6.45
N PHE A 14 -11.50 12.90 -5.78
CA PHE A 14 -11.62 12.69 -4.34
C PHE A 14 -12.10 11.26 -4.05
N ARG A 15 -11.14 10.37 -3.81
CA ARG A 15 -11.43 8.94 -3.67
C ARG A 15 -11.46 8.49 -2.22
N ALA A 16 -11.70 7.20 -2.02
CA ALA A 16 -11.83 6.67 -0.67
C ALA A 16 -10.53 6.78 0.13
N TYR A 17 -9.37 6.51 -0.48
CA TYR A 17 -8.12 6.41 0.29
C TYR A 17 -7.27 7.66 0.22
N ASP A 18 -7.44 8.42 -0.86
CA ASP A 18 -6.58 9.53 -1.20
C ASP A 18 -7.17 10.34 -2.37
N ILE A 19 -6.41 11.30 -2.89
CA ILE A 19 -6.79 12.06 -4.09
C ILE A 19 -5.94 11.61 -5.26
N ARG A 20 -6.54 11.44 -6.42
CA ARG A 20 -5.82 10.97 -7.60
C ARG A 20 -6.55 11.44 -8.83
N GLY A 21 -5.79 12.01 -9.76
CA GLY A 21 -6.31 12.51 -11.02
C GLY A 21 -5.28 12.41 -12.13
N VAL A 22 -5.66 12.86 -13.32
CA VAL A 22 -4.80 12.86 -14.50
C VAL A 22 -4.41 14.29 -14.79
N VAL A 23 -3.11 14.56 -14.83
CA VAL A 23 -2.61 15.92 -15.01
C VAL A 23 -2.94 16.42 -16.41
N GLY A 24 -3.40 17.66 -16.49
CA GLY A 24 -3.91 18.23 -17.74
C GLY A 24 -5.40 18.06 -17.90
N ASP A 25 -5.96 17.01 -17.30
CA ASP A 25 -7.37 16.67 -17.42
C ASP A 25 -8.08 16.99 -16.09
N THR A 26 -8.11 16.04 -15.16
CA THR A 26 -8.86 16.21 -13.92
C THR A 26 -8.03 16.83 -12.78
N LEU A 27 -6.74 17.02 -13.01
CA LEU A 27 -5.85 17.59 -11.98
C LEU A 27 -4.94 18.63 -12.59
N THR A 28 -5.20 19.90 -12.31
CA THR A 28 -4.38 21.00 -12.77
C THR A 28 -3.61 21.63 -11.63
N ALA A 29 -2.72 22.55 -11.97
CA ALA A 29 -2.00 23.38 -11.00
C ALA A 29 -2.92 24.14 -10.05
N GLU A 30 -4.00 24.75 -10.58
CA GLU A 30 -4.94 25.48 -9.73
C GLU A 30 -5.63 24.55 -8.74
N THR A 31 -6.00 23.35 -9.19
CA THR A 31 -6.60 22.36 -8.29
C THR A 31 -5.64 22.00 -7.15
N ALA A 32 -4.35 21.87 -7.47
CA ALA A 32 -3.35 21.53 -6.47
C ALA A 32 -3.27 22.65 -5.43
N TYR A 33 -3.37 23.89 -5.88
CA TYR A 33 -3.35 25.06 -4.97
C TYR A 33 -4.51 24.97 -3.99
N TRP A 34 -5.73 24.75 -4.49
CA TRP A 34 -6.92 24.74 -3.65
C TRP A 34 -6.96 23.52 -2.74
N ILE A 35 -6.43 22.39 -3.19
CA ILE A 35 -6.31 21.20 -2.33
C ILE A 35 -5.34 21.53 -1.17
N GLY A 36 -4.25 22.22 -1.46
CA GLY A 36 -3.34 22.72 -0.43
C GLY A 36 -4.04 23.61 0.58
N ARG A 37 -4.86 24.52 0.10
CA ARG A 37 -5.61 25.38 0.97
C ARG A 37 -6.58 24.59 1.88
N ALA A 38 -7.23 23.56 1.33
CA ALA A 38 -8.16 22.74 2.11
C ALA A 38 -7.44 21.94 3.19
N ILE A 39 -6.32 21.31 2.83
CA ILE A 39 -5.56 20.51 3.79
C ILE A 39 -4.99 21.38 4.90
N GLY A 40 -4.49 22.56 4.55
CA GLY A 40 -3.95 23.48 5.54
C GLY A 40 -5.01 23.94 6.52
N SER A 41 -6.21 24.18 6.00
CA SER A 41 -7.35 24.59 6.81
C SER A 41 -7.77 23.46 7.76
N GLU A 42 -7.82 22.23 7.27
CA GLU A 42 -8.16 21.09 8.13
C GLU A 42 -7.09 20.84 9.19
N SER A 43 -5.81 20.96 8.81
CA SER A 43 -4.72 20.79 9.76
C SER A 43 -4.84 21.82 10.88
N LEU A 44 -5.04 23.08 10.51
CA LEU A 44 -5.19 24.12 11.51
C LEU A 44 -6.42 23.89 12.41
N ALA A 45 -7.48 23.35 11.84
CA ALA A 45 -8.71 23.09 12.60
C ALA A 45 -8.46 22.00 13.64
N ARG A 46 -7.47 21.13 13.40
CA ARG A 46 -7.03 20.12 14.36
C ARG A 46 -5.85 20.53 15.21
N GLY A 47 -5.48 21.80 15.15
CA GLY A 47 -4.48 22.41 16.01
C GLY A 47 -3.06 22.24 15.53
N GLU A 48 -2.90 21.91 14.25
CA GLU A 48 -1.59 21.59 13.69
C GLU A 48 -1.20 22.53 12.52
N PRO A 49 -0.43 23.56 12.82
CA PRO A 49 0.05 24.47 11.77
C PRO A 49 1.23 23.92 10.95
N CYS A 50 1.88 22.83 11.40
CA CYS A 50 3.10 22.36 10.77
C CYS A 50 2.82 21.16 9.89
N VAL A 51 3.18 21.27 8.61
CA VAL A 51 2.86 20.28 7.58
C VAL A 51 4.10 19.97 6.74
N ALA A 52 4.47 18.70 6.64
CA ALA A 52 5.55 18.28 5.76
C ALA A 52 4.99 18.05 4.36
N VAL A 53 5.78 18.34 3.33
CA VAL A 53 5.38 18.10 1.94
C VAL A 53 6.49 17.38 1.18
N GLY A 54 6.11 16.33 0.46
CA GLY A 54 7.03 15.59 -0.38
C GLY A 54 6.40 15.30 -1.72
N ARG A 55 7.22 14.91 -2.66
CA ARG A 55 6.73 14.46 -3.99
C ARG A 55 7.54 13.28 -4.50
N ASP A 56 6.95 12.53 -5.41
CA ASP A 56 7.66 11.42 -6.03
C ASP A 56 8.43 11.93 -7.25
N GLY A 57 8.83 11.02 -8.13
CA GLY A 57 9.65 11.34 -9.28
C GLY A 57 8.91 11.56 -10.59
N ARG A 58 7.62 11.90 -10.50
CA ARG A 58 6.79 12.10 -11.68
C ARG A 58 7.10 13.43 -12.36
N LEU A 59 6.80 13.48 -13.65
CA LEU A 59 7.11 14.64 -14.49
C LEU A 59 6.37 15.89 -14.00
N SER A 60 5.14 15.69 -13.50
CA SER A 60 4.29 16.77 -12.98
C SER A 60 4.61 17.22 -11.55
N GLY A 61 5.53 16.54 -10.88
CA GLY A 61 5.96 16.87 -9.52
C GLY A 61 6.31 18.32 -9.21
N PRO A 62 7.34 18.86 -9.85
CA PRO A 62 7.70 20.27 -9.68
C PRO A 62 6.55 21.28 -9.89
N GLU A 63 5.75 21.15 -10.93
CA GLU A 63 4.68 22.11 -11.15
C GLU A 63 3.65 22.06 -10.00
N LEU A 64 3.14 20.86 -9.73
CA LEU A 64 2.06 20.73 -8.77
C LEU A 64 2.51 20.97 -7.31
N VAL A 65 3.73 20.59 -6.95
CA VAL A 65 4.20 20.72 -5.56
C VAL A 65 4.32 22.17 -5.12
N LYS A 66 4.73 23.05 -6.03
CA LYS A 66 4.81 24.46 -5.72
C LYS A 66 3.44 25.03 -5.32
N GLN A 67 2.40 24.61 -6.05
CA GLN A 67 1.03 25.05 -5.83
C GLN A 67 0.46 24.48 -4.54
N LEU A 68 0.74 23.21 -4.29
CA LEU A 68 0.37 22.57 -3.03
C LEU A 68 0.97 23.33 -1.85
N ILE A 69 2.26 23.61 -1.93
CA ILE A 69 2.97 24.33 -0.87
C ILE A 69 2.38 25.73 -0.67
N GLN A 70 2.07 26.40 -1.78
CA GLN A 70 1.52 27.76 -1.69
C GLN A 70 0.16 27.77 -1.04
N GLY A 71 -0.68 26.79 -1.38
CA GLY A 71 -1.97 26.63 -0.74
C GLY A 71 -1.84 26.49 0.77
N LEU A 72 -0.91 25.65 1.21
CA LEU A 72 -0.67 25.47 2.63
C LEU A 72 -0.16 26.78 3.25
N VAL A 73 0.79 27.45 2.60
CA VAL A 73 1.34 28.65 3.24
C VAL A 73 0.32 29.76 3.30
N ASP A 74 -0.61 29.79 2.33
CA ASP A 74 -1.66 30.80 2.31
C ASP A 74 -2.74 30.58 3.40
N CYS A 75 -2.69 29.45 4.11
CA CYS A 75 -3.50 29.24 5.30
C CYS A 75 -2.83 29.79 6.55
N GLY A 76 -1.53 30.05 6.46
CA GLY A 76 -0.71 30.38 7.62
C GLY A 76 0.08 29.18 8.15
N CYS A 77 0.16 28.10 7.37
CA CYS A 77 0.90 26.91 7.78
C CYS A 77 2.41 27.09 7.66
N GLN A 78 3.12 26.40 8.55
CA GLN A 78 4.55 26.23 8.49
C GLN A 78 4.90 24.94 7.77
N VAL A 79 5.34 25.08 6.53
CA VAL A 79 5.62 23.93 5.65
C VAL A 79 7.06 23.52 5.79
N SER A 80 7.30 22.21 5.89
CA SER A 80 8.61 21.61 5.78
C SER A 80 8.69 20.86 4.45
N ASP A 81 9.39 21.44 3.50
CA ASP A 81 9.54 20.87 2.16
C ASP A 81 10.69 19.88 2.13
N VAL A 82 10.37 18.58 2.07
CA VAL A 82 11.40 17.54 1.99
C VAL A 82 11.81 17.14 0.56
N GLY A 83 11.32 17.88 -0.43
CA GLY A 83 11.69 17.63 -1.81
C GLY A 83 11.17 16.31 -2.34
N MET A 84 11.96 15.69 -3.21
CA MET A 84 11.58 14.43 -3.85
C MET A 84 12.02 13.24 -2.98
N VAL A 85 11.03 12.49 -2.51
CA VAL A 85 11.24 11.37 -1.62
C VAL A 85 10.20 10.28 -1.85
N PRO A 86 10.51 9.05 -1.43
CA PRO A 86 9.48 8.00 -1.40
C PRO A 86 8.37 8.40 -0.43
N THR A 87 7.17 7.99 -0.76
CA THR A 87 6.00 8.13 0.13
C THR A 87 6.27 7.84 1.61
N PRO A 88 6.82 6.68 1.96
CA PRO A 88 7.10 6.40 3.37
C PRO A 88 8.06 7.39 4.03
N VAL A 89 8.93 8.01 3.26
CA VAL A 89 9.86 9.02 3.78
C VAL A 89 9.09 10.28 4.17
N LEU A 90 8.07 10.62 3.38
CA LEU A 90 7.16 11.68 3.77
C LEU A 90 6.41 11.31 5.07
N TYR A 91 5.90 10.09 5.16
CA TYR A 91 5.22 9.65 6.39
C TYR A 91 6.18 9.71 7.60
N TYR A 92 7.42 9.30 7.36
CA TYR A 92 8.49 9.40 8.35
C TYR A 92 8.63 10.84 8.82
N ALA A 93 8.72 11.77 7.88
CA ALA A 93 8.85 13.19 8.23
C ALA A 93 7.70 13.65 9.15
N ALA A 94 6.48 13.23 8.83
CA ALA A 94 5.30 13.59 9.63
C ALA A 94 5.24 12.88 10.99
N ASN A 95 6.19 12.00 11.24
CA ASN A 95 6.37 11.38 12.55
C ASN A 95 7.53 11.93 13.34
N VAL A 96 8.55 12.48 12.69
CA VAL A 96 9.75 12.93 13.43
C VAL A 96 9.99 14.42 13.44
N LEU A 97 9.35 15.16 12.54
CA LEU A 97 9.46 16.61 12.58
C LEU A 97 8.53 17.19 13.64
N GLU A 98 8.48 18.51 13.73
CA GLU A 98 7.62 19.20 14.70
C GLU A 98 6.13 18.86 14.48
N GLY A 99 5.71 18.88 13.22
CA GLY A 99 4.32 18.66 12.85
C GLY A 99 3.95 17.21 12.63
N LYS A 100 2.69 16.89 12.88
CA LYS A 100 2.16 15.56 12.63
C LYS A 100 1.30 15.50 11.37
N SER A 101 1.32 16.57 10.58
CA SER A 101 0.62 16.59 9.31
C SER A 101 1.61 16.47 8.17
N GLY A 102 1.19 15.85 7.08
CA GLY A 102 2.04 15.71 5.92
C GLY A 102 1.23 15.44 4.67
N VAL A 103 1.74 15.89 3.52
CA VAL A 103 1.11 15.63 2.24
C VAL A 103 2.16 15.11 1.28
N MET A 104 1.86 13.98 0.65
CA MET A 104 2.72 13.39 -0.37
C MET A 104 2.06 13.59 -1.70
N LEU A 105 2.76 14.20 -2.65
CA LEU A 105 2.24 14.39 -3.99
C LEU A 105 2.71 13.18 -4.79
N THR A 106 1.80 12.27 -5.06
CA THR A 106 2.13 11.08 -5.80
C THR A 106 0.93 10.51 -6.55
N GLY A 107 1.22 9.83 -7.66
CA GLY A 107 0.26 9.06 -8.41
C GLY A 107 0.55 7.58 -8.35
N HIS A 109 1.35 3.92 -8.52
CA HIS A 109 1.79 2.94 -9.54
C HIS A 109 1.20 3.24 -10.93
N ASN A 110 0.41 4.31 -11.03
CA ASN A 110 -0.35 4.64 -12.25
C ASN A 110 0.53 5.16 -13.39
N PRO A 111 0.02 5.14 -14.61
CA PRO A 111 0.77 5.71 -15.76
C PRO A 111 1.33 7.13 -15.52
N PRO A 112 2.31 7.55 -16.33
CA PRO A 112 3.11 8.75 -16.07
C PRO A 112 2.33 10.06 -15.82
N ASP A 113 1.20 10.24 -16.48
CA ASP A 113 0.50 11.53 -16.41
C ASP A 113 -0.41 11.66 -15.18
N TYR A 114 -0.48 10.61 -14.36
CA TYR A 114 -1.32 10.60 -13.17
C TYR A 114 -0.52 11.23 -12.03
N ASN A 115 -1.21 11.99 -11.18
CA ASN A 115 -0.63 12.41 -9.90
C ASN A 115 -1.77 12.52 -8.88
N GLY A 116 -1.46 13.00 -7.67
CA GLY A 116 -2.42 12.94 -6.59
C GLY A 116 -1.80 13.27 -5.24
N PHE A 117 -2.57 13.03 -4.17
CA PHE A 117 -2.19 13.44 -2.84
C PHE A 117 -2.57 12.36 -1.82
N LYS A 118 -1.61 11.95 -1.00
CA LYS A 118 -1.88 11.13 0.15
C LYS A 118 -1.65 12.02 1.37
N ILE A 119 -2.60 12.01 2.29
CA ILE A 119 -2.75 13.08 3.27
C ILE A 119 -2.84 12.58 4.70
N VAL A 120 -1.99 13.13 5.55
CA VAL A 120 -2.00 12.88 6.99
C VAL A 120 -2.20 14.21 7.72
N VAL A 121 -3.21 14.26 8.58
CA VAL A 121 -3.51 15.45 9.37
C VAL A 121 -3.54 15.10 10.86
N ALA A 122 -2.65 15.74 11.63
CA ALA A 122 -2.58 15.54 13.07
C ALA A 122 -2.48 14.06 13.42
N GLY A 123 -1.67 13.33 12.66
CA GLY A 123 -1.37 11.94 12.95
C GLY A 123 -2.25 10.94 12.20
N GLU A 124 -3.36 11.39 11.65
CA GLU A 124 -4.34 10.49 11.05
C GLU A 124 -4.35 10.57 9.54
N THR A 125 -4.31 9.42 8.88
CA THR A 125 -4.40 9.34 7.43
C THR A 125 -5.86 9.50 7.04
N LEU A 126 -6.14 10.48 6.19
CA LEU A 126 -7.50 10.80 5.83
C LEU A 126 -8.05 9.77 4.87
N ALA A 127 -9.33 9.47 5.03
CA ALA A 127 -10.06 8.62 4.10
C ALA A 127 -11.55 8.97 4.06
N ASN A 128 -12.23 8.43 3.05
CA ASN A 128 -13.69 8.48 2.91
C ASN A 128 -14.28 9.89 3.07
N GLU A 129 -15.14 10.12 4.06
CA GLU A 129 -15.78 11.43 4.28
C GLU A 129 -14.77 12.55 4.61
N GLN A 130 -13.60 12.20 5.14
CA GLN A 130 -12.56 13.20 5.41
C GLN A 130 -11.95 13.76 4.12
N ILE A 131 -11.82 12.91 3.10
CA ILE A 131 -11.32 13.33 1.80
C ILE A 131 -12.39 14.20 1.10
N GLN A 132 -13.65 13.75 1.15
CA GLN A 132 -14.75 14.56 0.63
C GLN A 132 -14.86 15.89 1.37
N ALA A 133 -14.56 15.91 2.67
CA ALA A 133 -14.62 17.15 3.45
C ALA A 133 -13.67 18.23 2.92
N LEU A 134 -12.54 17.80 2.34
CA LEU A 134 -11.61 18.71 1.68
C LEU A 134 -12.24 19.34 0.44
N ARG A 135 -12.83 18.52 -0.41
CA ARG A 135 -13.52 19.04 -1.58
C ARG A 135 -14.61 20.03 -1.16
N GLU A 136 -15.35 19.65 -0.12
CA GLU A 136 -16.45 20.47 0.41
C GLU A 136 -15.99 21.80 0.99
N ARG A 137 -14.82 21.82 1.64
CA ARG A 137 -14.25 23.07 2.12
C ARG A 137 -14.02 24.07 0.99
N ILE A 138 -13.52 23.57 -0.14
CA ILE A 138 -13.19 24.45 -1.26
C ILE A 138 -14.46 25.05 -1.87
N GLU A 139 -15.47 24.21 -2.04
CA GLU A 139 -16.78 24.65 -2.57
C GLU A 139 -17.42 25.70 -1.69
N LYS A 140 -17.28 25.53 -0.37
CA LYS A 140 -17.92 26.38 0.63
C LYS A 140 -17.13 27.64 0.95
N ASN A 141 -15.92 27.75 0.42
CA ASN A 141 -14.92 28.73 0.88
C ASN A 141 -14.66 28.69 2.39
N ASP A 142 -14.73 27.50 2.97
CA ASP A 142 -14.44 27.30 4.39
C ASP A 142 -12.92 27.05 4.50
N LEU A 143 -12.16 28.12 4.31
CA LEU A 143 -10.71 28.03 4.16
C LEU A 143 -10.04 29.07 5.05
N ALA A 144 -8.93 28.67 5.67
CA ALA A 144 -8.13 29.57 6.49
C ALA A 144 -7.33 30.48 5.58
N SER A 145 -6.95 31.64 6.13
CA SER A 145 -6.12 32.63 5.48
C SER A 145 -5.09 33.13 6.47
N GLY A 146 -3.83 33.19 6.05
CA GLY A 146 -2.74 33.63 6.92
C GLY A 146 -1.46 33.69 6.10
N VAL A 147 -0.38 34.15 6.69
CA VAL A 147 0.89 34.16 5.98
C VAL A 147 1.85 33.14 6.62
N GLY A 148 1.98 32.03 5.91
CA GLY A 148 2.77 30.91 6.37
C GLY A 148 4.22 31.05 6.00
N SER A 149 4.93 29.92 6.07
CA SER A 149 6.37 29.87 5.84
C SER A 149 6.76 28.53 5.24
N VAL A 150 7.95 28.47 4.65
CA VAL A 150 8.50 27.24 4.06
C VAL A 150 9.96 27.09 4.49
N GLU A 151 10.29 25.93 5.06
CA GLU A 151 11.66 25.60 5.41
C GLU A 151 12.05 24.36 4.66
N GLN A 152 13.24 24.34 4.06
CA GLN A 152 13.68 23.14 3.40
C GLN A 152 14.26 22.22 4.44
N VAL A 153 13.88 20.95 4.35
CA VAL A 153 14.34 19.91 5.26
C VAL A 153 14.92 18.78 4.42
N ASP A 154 16.15 18.41 4.73
CA ASP A 154 16.81 17.27 4.09
C ASP A 154 16.67 16.04 5.02
N ILE A 155 15.65 15.22 4.76
CA ILE A 155 15.24 14.18 5.72
C ILE A 155 15.74 12.79 5.36
N LEU A 156 16.11 12.57 4.10
CA LEU A 156 16.53 11.25 3.67
C LEU A 156 17.69 10.65 4.47
N PRO A 157 18.75 11.40 4.74
CA PRO A 157 19.84 10.87 5.58
C PRO A 157 19.41 10.41 6.99
N ARG A 158 18.45 11.10 7.58
CA ARG A 158 17.94 10.73 8.91
C ARG A 158 17.16 9.42 8.85
N TYR A 159 16.35 9.28 7.81
CA TYR A 159 15.59 8.05 7.57
C TYR A 159 16.53 6.86 7.34
N PHE A 160 17.53 7.07 6.49
CA PHE A 160 18.57 6.09 6.15
C PHE A 160 19.23 5.56 7.42
N LYS A 161 19.67 6.47 8.26
CA LYS A 161 20.36 6.13 9.51
C LYS A 161 19.44 5.40 10.49
N GLN A 162 18.21 5.88 10.62
CA GLN A 162 17.21 5.27 11.49
C GLN A 162 17.07 3.78 11.19
N ILE A 163 16.94 3.43 9.91
CA ILE A 163 16.79 2.02 9.53
C ILE A 163 18.09 1.24 9.71
N ARG A 164 19.17 1.77 9.15
CA ARG A 164 20.47 1.14 9.24
C ARG A 164 20.87 0.79 10.66
N ASP A 165 20.65 1.73 11.58
CA ASP A 165 21.04 1.54 12.98
C ASP A 165 20.21 0.47 13.72
N ASP A 166 19.04 0.10 13.18
CA ASP A 166 18.19 -0.89 13.86
C ASP A 166 18.09 -2.25 13.16
N ILE A 167 18.63 -2.38 11.95
CA ILE A 167 18.63 -3.65 11.25
C ILE A 167 19.98 -4.36 11.46
N ALA A 168 19.93 -5.63 11.84
CA ALA A 168 21.14 -6.40 12.10
C ALA A 168 21.14 -7.67 11.26
N MET A 169 21.76 -7.57 10.09
CA MET A 169 21.91 -8.73 9.21
C MET A 169 23.02 -9.61 9.76
N ALA A 170 22.81 -10.91 9.74
CA ALA A 170 23.74 -11.88 10.34
C ALA A 170 24.75 -12.41 9.33
N LYS A 171 24.43 -12.26 8.04
CA LYS A 171 25.31 -12.68 6.97
C LYS A 171 25.10 -11.80 5.73
N PRO A 172 26.05 -11.80 4.80
CA PRO A 172 25.88 -11.07 3.54
C PRO A 172 24.88 -11.73 2.59
N MET A 173 24.19 -10.92 1.80
CA MET A 173 23.27 -11.43 0.78
C MET A 173 23.45 -10.65 -0.52
N LYS A 174 23.18 -11.29 -1.65
CA LYS A 174 23.23 -10.65 -2.97
C LYS A 174 21.78 -10.50 -3.46
N VAL A 175 21.38 -9.27 -3.80
CA VAL A 175 19.97 -8.95 -4.00
C VAL A 175 19.80 -8.08 -5.24
N VAL A 176 18.91 -8.50 -6.14
CA VAL A 176 18.53 -7.70 -7.29
C VAL A 176 17.40 -6.77 -6.85
N VAL A 177 17.52 -5.49 -7.20
CA VAL A 177 16.56 -4.49 -6.79
C VAL A 177 16.04 -3.79 -8.05
N ASP A 178 14.75 -3.95 -8.30
CA ASP A 178 14.08 -3.33 -9.43
C ASP A 178 13.22 -2.17 -8.91
N CYS A 179 13.62 -0.95 -9.24
CA CYS A 179 12.88 0.26 -8.84
C CYS A 179 11.82 0.72 -9.84
N GLY A 180 11.84 0.16 -11.05
CA GLY A 180 10.84 0.50 -12.06
C GLY A 180 10.91 1.96 -12.52
N ASN A 181 12.08 2.57 -12.35
CA ASN A 181 12.31 3.99 -12.64
C ASN A 181 11.48 4.94 -11.78
N GLY A 182 11.02 4.45 -10.62
CA GLY A 182 10.29 5.26 -9.66
C GLY A 182 11.24 5.88 -8.66
N VAL A 183 10.70 6.48 -7.62
CA VAL A 183 11.49 7.25 -6.68
C VAL A 183 12.26 6.38 -5.66
N ALA A 184 11.96 5.08 -5.59
CA ALA A 184 12.73 4.20 -4.68
C ALA A 184 14.23 4.18 -4.97
N GLY A 185 14.63 4.51 -6.19
CA GLY A 185 16.03 4.48 -6.55
C GLY A 185 16.88 5.53 -5.85
N VAL A 186 16.26 6.49 -5.18
CA VAL A 186 17.00 7.49 -4.40
C VAL A 186 17.59 6.93 -3.10
N ILE A 187 17.18 5.73 -2.70
CA ILE A 187 17.58 5.19 -1.41
C ILE A 187 17.66 3.68 -1.30
N ALA A 188 16.74 2.94 -1.93
CA ALA A 188 16.66 1.51 -1.66
C ALA A 188 17.96 0.77 -2.00
N PRO A 189 18.51 0.94 -3.20
CA PRO A 189 19.76 0.23 -3.52
C PRO A 189 20.89 0.62 -2.56
N GLN A 190 20.97 1.89 -2.19
CA GLN A 190 22.02 2.41 -1.31
C GLN A 190 21.85 1.87 0.11
N LEU A 191 20.63 1.93 0.63
CA LEU A 191 20.34 1.42 1.96
C LEU A 191 20.60 -0.08 2.08
N ILE A 192 20.17 -0.86 1.09
CA ILE A 192 20.30 -2.31 1.16
C ILE A 192 21.77 -2.70 1.15
N GLU A 193 22.57 -2.00 0.36
CA GLU A 193 24.01 -2.22 0.38
C GLU A 193 24.57 -1.92 1.77
N ALA A 194 24.09 -0.84 2.39
CA ALA A 194 24.60 -0.42 3.70
C ALA A 194 24.29 -1.41 4.80
N LEU A 195 23.22 -2.19 4.62
CA LEU A 195 22.85 -3.24 5.55
C LEU A 195 23.85 -4.41 5.52
N GLY A 196 24.64 -4.51 4.45
CA GLY A 196 25.62 -5.58 4.26
C GLY A 196 25.29 -6.50 3.09
N CYS A 197 24.64 -5.98 2.05
CA CYS A 197 24.35 -6.75 0.84
C CYS A 197 25.14 -6.20 -0.35
N SER A 198 25.24 -7.00 -1.40
CA SER A 198 25.57 -6.46 -2.72
C SER A 198 24.27 -6.34 -3.49
N VAL A 199 24.11 -5.23 -4.22
CA VAL A 199 22.90 -4.93 -4.95
C VAL A 199 23.14 -4.88 -6.46
N ILE A 200 22.35 -5.64 -7.20
CA ILE A 200 22.30 -5.54 -8.65
C ILE A 200 21.09 -4.65 -8.97
N PRO A 201 21.33 -3.42 -9.43
CA PRO A 201 20.21 -2.50 -9.71
C PRO A 201 19.52 -2.80 -11.05
N LEU A 202 18.21 -2.63 -11.06
CA LEU A 202 17.42 -2.73 -12.27
C LEU A 202 16.49 -1.53 -12.33
N TYR A 203 16.64 -0.69 -13.35
CA TYR A 203 15.78 0.47 -13.53
C TYR A 203 15.71 1.35 -12.30
N CYS A 204 16.87 1.63 -11.70
CA CYS A 204 16.92 2.42 -10.47
C CYS A 204 17.25 3.89 -10.72
N GLU A 205 17.39 4.28 -11.97
CA GLU A 205 17.44 5.70 -12.31
C GLU A 205 16.01 6.23 -12.26
N VAL A 206 15.80 7.28 -11.49
CA VAL A 206 14.50 7.94 -11.42
C VAL A 206 14.16 8.57 -12.77
N ASP A 207 13.03 8.16 -13.35
CA ASP A 207 12.59 8.67 -14.65
C ASP A 207 11.05 8.54 -14.77
N GLY A 208 10.36 9.68 -14.66
CA GLY A 208 8.90 9.72 -14.66
C GLY A 208 8.19 9.34 -15.95
N ASN A 209 8.93 9.15 -17.03
CA ASN A 209 8.38 8.58 -18.28
C ASN A 209 8.11 7.07 -18.16
N PHE A 210 8.74 6.42 -17.18
CA PHE A 210 8.62 4.98 -16.97
C PHE A 210 8.84 4.19 -18.27
N PRO A 211 10.02 4.35 -18.89
CA PRO A 211 10.27 3.79 -20.23
C PRO A 211 10.48 2.27 -20.30
N ASN A 212 10.59 1.57 -19.18
CA ASN A 212 10.94 0.14 -19.19
C ASN A 212 9.76 -0.80 -18.89
N HIS A 213 9.25 -0.70 -17.67
CA HIS A 213 7.96 -1.29 -17.28
C HIS A 213 7.38 -0.39 -16.18
N HIS A 214 6.06 -0.40 -16.05
CA HIS A 214 5.43 0.43 -15.02
C HIS A 214 5.88 -0.09 -13.66
N PRO A 215 6.10 0.80 -12.69
CA PRO A 215 6.52 0.37 -11.36
C PRO A 215 5.32 -0.14 -10.53
N ASP A 216 4.88 -1.35 -10.90
CA ASP A 216 3.67 -1.97 -10.37
C ASP A 216 4.02 -3.45 -10.14
N PRO A 217 4.65 -3.77 -9.00
CA PRO A 217 5.07 -5.14 -8.71
C PRO A 217 3.93 -6.13 -8.44
N GLY A 218 2.68 -5.67 -8.42
CA GLY A 218 1.52 -6.54 -8.26
C GLY A 218 1.14 -7.35 -9.50
N LYS A 219 1.70 -6.99 -10.66
CA LYS A 219 1.50 -7.72 -11.90
C LYS A 219 2.76 -8.52 -12.21
N PRO A 220 2.63 -9.82 -12.51
CA PRO A 220 3.82 -10.68 -12.70
C PRO A 220 4.66 -10.26 -13.91
N GLU A 221 4.00 -9.71 -14.92
CA GLU A 221 4.65 -9.15 -16.11
C GLU A 221 5.75 -8.14 -15.75
N ASN A 222 5.52 -7.36 -14.70
CA ASN A 222 6.48 -6.35 -14.24
C ASN A 222 7.57 -6.89 -13.31
N LEU A 223 7.59 -8.21 -13.11
CA LEU A 223 8.64 -8.89 -12.38
C LEU A 223 9.49 -9.79 -13.27
N LYS A 224 9.17 -9.86 -14.57
CA LYS A 224 9.87 -10.80 -15.46
C LYS A 224 11.35 -10.51 -15.56
N ASP A 225 11.69 -9.22 -15.68
CA ASP A 225 13.09 -8.80 -15.76
C ASP A 225 13.82 -9.11 -14.46
N LEU A 226 13.16 -8.90 -13.32
CA LEU A 226 13.73 -9.19 -12.00
C LEU A 226 14.02 -10.69 -11.82
N ILE A 227 13.05 -11.52 -12.16
CA ILE A 227 13.18 -12.98 -12.02
C ILE A 227 14.36 -13.49 -12.88
N ALA A 228 14.46 -12.97 -14.10
CA ALA A 228 15.53 -13.39 -15.02
C ALA A 228 16.90 -12.97 -14.51
N LYS A 229 16.99 -11.79 -13.91
CA LYS A 229 18.26 -11.29 -13.39
C LYS A 229 18.69 -12.04 -12.15
N VAL A 230 17.72 -12.35 -11.28
CA VAL A 230 17.99 -13.14 -10.09
C VAL A 230 18.63 -14.47 -10.48
N LYS A 231 18.08 -15.12 -11.49
CA LYS A 231 18.56 -16.41 -11.95
C LYS A 231 19.93 -16.29 -12.61
N ALA A 232 20.09 -15.33 -13.50
CA ALA A 232 21.33 -15.13 -14.24
C ALA A 232 22.53 -14.79 -13.33
N GLU A 233 22.31 -14.00 -12.28
CA GLU A 233 23.38 -13.59 -11.36
C GLU A 233 23.50 -14.47 -10.11
N ASN A 234 22.70 -15.53 -10.02
CA ASN A 234 22.68 -16.39 -8.83
C ASN A 234 22.49 -15.59 -7.53
N ALA A 235 21.54 -14.65 -7.55
CA ALA A 235 21.21 -13.79 -6.41
C ALA A 235 20.40 -14.53 -5.36
N ASP A 236 20.48 -14.07 -4.12
CA ASP A 236 19.77 -14.71 -3.03
C ASP A 236 18.31 -14.31 -2.98
N LEU A 237 17.97 -13.20 -3.63
CA LEU A 237 16.65 -12.59 -3.49
C LEU A 237 16.46 -11.52 -4.55
N GLY A 238 15.22 -11.30 -4.94
CA GLY A 238 14.85 -10.20 -5.80
C GLY A 238 13.79 -9.37 -5.12
N LEU A 239 13.89 -8.05 -5.26
CA LEU A 239 12.95 -7.09 -4.67
C LEU A 239 12.52 -6.12 -5.76
N ALA A 240 11.23 -5.81 -5.83
CA ALA A 240 10.69 -4.82 -6.76
C ALA A 240 9.87 -3.79 -5.99
N PHE A 241 10.04 -2.51 -6.29
CA PHE A 241 9.28 -1.46 -5.61
C PHE A 241 8.29 -0.83 -6.57
N ASP A 242 7.16 -0.36 -6.05
CA ASP A 242 6.23 0.40 -6.87
C ASP A 242 6.72 1.84 -6.98
N GLY A 243 6.01 2.66 -7.74
CA GLY A 243 6.51 3.97 -8.10
C GLY A 243 6.90 4.88 -6.95
N ASP A 244 6.17 4.84 -5.84
CA ASP A 244 6.42 5.74 -4.71
C ASP A 244 7.02 5.06 -3.48
N GLY A 245 7.27 3.76 -3.60
CA GLY A 245 8.02 3.03 -2.58
C GLY A 245 7.28 2.53 -1.35
N ASP A 246 5.95 2.56 -1.36
CA ASP A 246 5.16 2.02 -0.24
C ASP A 246 4.72 0.57 -0.43
N ARG A 247 5.07 0.01 -1.58
CA ARG A 247 4.78 -1.39 -1.90
C ARG A 247 6.06 -2.09 -2.31
N VAL A 248 6.18 -3.35 -1.91
CA VAL A 248 7.32 -4.17 -2.29
C VAL A 248 6.80 -5.53 -2.80
N GLY A 249 7.53 -6.08 -3.78
CA GLY A 249 7.29 -7.43 -4.28
C GLY A 249 8.55 -8.24 -4.14
N VAL A 250 8.42 -9.53 -3.86
CA VAL A 250 9.54 -10.38 -3.50
C VAL A 250 9.60 -11.59 -4.45
N VAL A 251 10.80 -11.93 -4.89
CA VAL A 251 11.04 -13.19 -5.59
C VAL A 251 12.20 -13.93 -4.93
N THR A 252 12.12 -15.26 -4.92
CA THR A 252 13.12 -16.09 -4.26
C THR A 252 14.33 -16.27 -5.19
N ASN A 253 15.37 -16.92 -4.67
CA ASN A 253 16.57 -17.26 -5.46
C ASN A 253 16.29 -18.18 -6.66
N THR A 254 15.17 -18.88 -6.64
CA THR A 254 14.76 -19.72 -7.78
C THR A 254 13.73 -19.04 -8.69
N GLY A 255 13.35 -17.81 -8.37
CA GLY A 255 12.45 -17.01 -9.21
C GLY A 255 10.98 -17.08 -8.79
N THR A 256 10.68 -17.79 -7.71
CA THR A 256 9.29 -17.86 -7.21
C THR A 256 8.77 -16.51 -6.69
N ILE A 257 7.63 -16.07 -7.19
CA ILE A 257 6.96 -14.89 -6.65
C ILE A 257 6.33 -15.20 -5.29
N ILE A 258 6.71 -14.41 -4.28
CA ILE A 258 6.14 -14.53 -2.95
C ILE A 258 5.07 -13.48 -2.78
N TYR A 259 3.80 -13.89 -2.78
CA TYR A 259 2.74 -12.91 -2.65
C TYR A 259 2.70 -12.32 -1.26
N PRO A 260 2.28 -11.06 -1.15
CA PRO A 260 2.35 -10.35 0.13
C PRO A 260 1.69 -11.05 1.31
N ASP A 261 0.59 -11.80 1.10
CA ASP A 261 -0.03 -12.50 2.23
C ASP A 261 0.89 -13.58 2.82
N ARG A 262 1.73 -14.19 1.97
CA ARG A 262 2.76 -15.14 2.40
C ARG A 262 4.00 -14.46 3.05
N LEU A 263 4.41 -13.31 2.51
CA LEU A 263 5.38 -12.46 3.19
C LEU A 263 4.94 -12.15 4.62
N LEU A 264 3.68 -11.79 4.78
CA LEU A 264 3.14 -11.46 6.10
C LEU A 264 3.26 -12.60 7.07
N MET A 265 3.21 -13.84 6.59
CA MET A 265 3.37 -14.97 7.48
C MET A 265 4.72 -14.94 8.15
N LEU A 266 5.76 -14.70 7.35
CA LEU A 266 7.11 -14.59 7.88
C LEU A 266 7.24 -13.45 8.88
N PHE A 267 6.67 -12.30 8.52
CA PHE A 267 6.74 -11.12 9.36
C PHE A 267 5.91 -11.29 10.63
N ALA A 268 4.78 -11.97 10.55
CA ALA A 268 3.91 -12.17 11.73
C ALA A 268 4.61 -13.05 12.75
N LYS A 269 5.25 -14.11 12.26
CA LYS A 269 6.06 -14.95 13.14
C LYS A 269 7.13 -14.13 13.90
N ASP A 270 7.82 -13.26 13.17
CA ASP A 270 8.89 -12.43 13.70
C ASP A 270 8.37 -11.49 14.79
N VAL A 271 7.31 -10.75 14.47
CA VAL A 271 6.78 -9.74 15.37
C VAL A 271 6.13 -10.39 16.61
N VAL A 272 5.31 -11.41 16.40
CA VAL A 272 4.63 -12.07 17.53
C VAL A 272 5.62 -12.74 18.49
N SER A 273 6.73 -13.30 17.96
CA SER A 273 7.74 -13.94 18.81
C SER A 273 8.30 -13.01 19.90
N ARG A 274 8.36 -11.70 19.64
CA ARG A 274 8.84 -10.74 20.64
C ARG A 274 7.70 -10.02 21.37
N ASN A 275 6.47 -10.21 20.89
CA ASN A 275 5.31 -9.49 21.39
C ASN A 275 4.11 -10.42 21.52
N PRO A 276 4.10 -11.23 22.57
CA PRO A 276 3.04 -12.22 22.76
C PRO A 276 1.67 -11.54 22.75
N GLY A 277 0.70 -12.10 22.04
CA GLY A 277 -0.65 -11.58 22.03
C GLY A 277 -0.93 -10.40 21.11
N ALA A 278 0.09 -9.96 20.36
CA ALA A 278 -0.02 -8.80 19.47
C ALA A 278 -1.10 -8.94 18.39
N ASP A 279 -1.81 -7.85 18.15
CA ASP A 279 -2.77 -7.77 17.07
C ASP A 279 -2.02 -7.69 15.74
N ILE A 280 -2.46 -8.45 14.74
CA ILE A 280 -1.87 -8.44 13.40
C ILE A 280 -3.01 -8.30 12.39
N ILE A 281 -2.96 -7.26 11.59
CA ILE A 281 -4.03 -6.93 10.64
C ILE A 281 -3.68 -7.40 9.23
N PHE A 282 -4.69 -7.88 8.52
CA PHE A 282 -4.55 -8.21 7.11
C PHE A 282 -5.89 -7.90 6.43
N ASP A 283 -5.87 -7.69 5.13
CA ASP A 283 -7.11 -7.32 4.45
C ASP A 283 -7.87 -8.53 3.96
N VAL A 284 -9.13 -8.31 3.56
CA VAL A 284 -10.03 -9.38 3.15
C VAL A 284 -9.53 -10.19 1.95
N LYS A 285 -8.53 -9.70 1.23
CA LYS A 285 -7.97 -10.44 0.09
C LYS A 285 -6.91 -11.47 0.47
N CYS A 286 -6.57 -11.58 1.76
CA CYS A 286 -5.43 -12.41 2.19
C CYS A 286 -5.82 -13.84 2.52
N THR A 287 -4.87 -14.76 2.35
CA THR A 287 -5.13 -16.17 2.59
C THR A 287 -5.57 -16.49 4.00
N ARG A 288 -6.49 -17.45 4.13
CA ARG A 288 -6.91 -17.93 5.44
C ARG A 288 -5.78 -18.57 6.25
N ARG A 289 -4.76 -19.07 5.55
CA ARG A 289 -3.60 -19.68 6.18
C ARG A 289 -2.90 -18.72 7.12
N LEU A 290 -2.95 -17.44 6.75
CA LEU A 290 -2.37 -16.38 7.55
C LEU A 290 -3.10 -16.26 8.89
N ILE A 291 -4.41 -16.42 8.90
CA ILE A 291 -5.24 -16.32 10.10
C ILE A 291 -4.87 -17.40 11.15
N ALA A 292 -4.82 -18.64 10.70
CA ALA A 292 -4.40 -19.76 11.53
C ALA A 292 -2.96 -19.59 12.02
N LEU A 293 -2.06 -19.16 11.14
CA LEU A 293 -0.67 -18.96 11.46
C LEU A 293 -0.48 -17.92 12.58
N ILE A 294 -1.21 -16.82 12.50
CA ILE A 294 -1.10 -15.77 13.51
C ILE A 294 -1.58 -16.27 14.87
N SER A 295 -2.72 -16.96 14.87
CA SER A 295 -3.31 -17.53 16.07
C SER A 295 -2.41 -18.60 16.70
N GLY A 296 -1.77 -19.41 15.87
CA GLY A 296 -0.91 -20.49 16.34
C GLY A 296 0.27 -19.94 17.10
N TYR A 297 0.77 -18.78 16.66
CA TYR A 297 1.89 -18.16 17.33
C TYR A 297 1.44 -17.34 18.55
N GLY A 298 0.14 -17.31 18.80
CA GLY A 298 -0.41 -16.57 19.93
C GLY A 298 -0.74 -15.10 19.68
N GLY A 299 -0.65 -14.67 18.43
CA GLY A 299 -1.14 -13.36 18.04
C GLY A 299 -2.65 -13.32 17.88
N ARG A 300 -3.20 -12.11 17.72
CA ARG A 300 -4.64 -11.94 17.48
C ARG A 300 -4.83 -11.47 16.05
N PRO A 301 -5.37 -12.32 15.19
CA PRO A 301 -5.61 -11.95 13.79
C PRO A 301 -6.80 -11.04 13.65
N VAL A 302 -6.64 -9.94 12.94
CA VAL A 302 -7.70 -8.98 12.71
C VAL A 302 -7.85 -8.76 11.21
N MET A 303 -8.97 -9.22 10.65
CA MET A 303 -9.24 -9.02 9.23
C MET A 303 -9.90 -7.66 9.06
N TRP A 304 -9.49 -6.94 8.01
CA TRP A 304 -10.01 -5.62 7.81
C TRP A 304 -10.11 -5.27 6.31
N LYS A 305 -10.59 -4.06 6.07
CA LYS A 305 -10.84 -3.55 4.74
C LYS A 305 -9.56 -3.30 3.97
N THR A 306 -9.61 -3.53 2.68
CA THR A 306 -8.57 -3.11 1.74
C THR A 306 -8.45 -1.60 1.76
N GLY A 307 -7.22 -1.09 1.61
CA GLY A 307 -6.97 0.32 1.39
C GLY A 307 -6.00 0.85 2.42
N HIS A 308 -4.89 1.43 1.99
CA HIS A 308 -3.83 1.83 2.93
C HIS A 308 -4.29 2.70 4.08
N SER A 309 -5.11 3.69 3.78
CA SER A 309 -5.59 4.62 4.77
C SER A 309 -6.48 3.93 5.81
N LEU A 310 -7.28 2.99 5.34
CA LEU A 310 -8.19 2.26 6.22
C LEU A 310 -7.41 1.32 7.15
N ILE A 311 -6.39 0.67 6.61
CA ILE A 311 -5.51 -0.17 7.39
C ILE A 311 -4.78 0.67 8.45
N LYS A 312 -4.30 1.85 8.09
CA LYS A 312 -3.57 2.68 9.06
C LYS A 312 -4.48 3.12 10.22
N LYS A 313 -5.71 3.51 9.90
CA LYS A 313 -6.67 3.83 10.94
C LYS A 313 -6.94 2.64 11.86
N LYS A 314 -7.10 1.46 11.28
CA LYS A 314 -7.41 0.26 12.04
C LYS A 314 -6.26 -0.10 12.99
N MET A 315 -5.04 0.18 12.56
CA MET A 315 -3.87 -0.05 13.39
C MET A 315 -3.87 0.83 14.63
N LYS A 316 -4.32 2.06 14.48
CA LYS A 316 -4.47 2.98 15.61
C LYS A 316 -5.57 2.48 16.56
N GLU A 317 -6.65 1.94 16.00
CA GLU A 317 -7.79 1.52 16.81
C GLU A 317 -7.51 0.27 17.62
N THR A 318 -6.67 -0.62 17.10
CA THR A 318 -6.45 -1.92 17.72
C THR A 318 -5.15 -2.01 18.49
N GLY A 319 -4.23 -1.09 18.19
CA GLY A 319 -2.85 -1.14 18.66
C GLY A 319 -2.02 -2.23 17.99
N ALA A 320 -2.44 -2.66 16.80
CA ALA A 320 -1.73 -3.72 16.07
C ALA A 320 -0.28 -3.37 15.87
N LEU A 321 0.59 -4.35 15.98
CA LEU A 321 2.02 -4.14 15.76
C LEU A 321 2.47 -4.35 14.31
N LEU A 322 1.61 -4.93 13.49
CA LEU A 322 1.93 -5.23 12.09
C LEU A 322 0.63 -5.33 11.30
N ALA A 323 0.64 -4.81 10.07
CA ALA A 323 -0.47 -5.01 9.13
C ALA A 323 0.08 -5.27 7.74
N GLY A 324 -0.72 -5.90 6.89
CA GLY A 324 -0.34 -6.14 5.52
C GLY A 324 -1.57 -6.25 4.65
N GLU A 325 -1.44 -5.80 3.40
CA GLU A 325 -2.47 -5.97 2.39
C GLU A 325 -1.96 -6.89 1.29
N MET A 326 -2.89 -7.51 0.56
CA MET A 326 -2.51 -8.36 -0.58
C MET A 326 -1.80 -7.56 -1.69
N SER A 327 -2.04 -6.24 -1.73
CA SER A 327 -1.42 -5.35 -2.72
C SER A 327 0.07 -5.10 -2.45
N GLY A 328 0.59 -5.55 -1.31
CA GLY A 328 2.00 -5.43 -1.00
C GLY A 328 2.34 -4.25 -0.11
N HIS A 329 1.33 -3.56 0.42
CA HIS A 329 1.56 -2.53 1.45
C HIS A 329 1.75 -3.26 2.76
N VAL A 330 2.90 -3.05 3.41
CA VAL A 330 3.19 -3.71 4.69
C VAL A 330 3.51 -2.62 5.70
N PHE A 331 2.91 -2.72 6.89
CA PHE A 331 2.88 -1.65 7.89
C PHE A 331 3.45 -2.16 9.21
N PHE A 332 4.71 -1.86 9.50
CA PHE A 332 5.31 -2.21 10.77
C PHE A 332 5.07 -1.08 11.77
N LYS A 333 4.49 -1.43 12.92
CA LYS A 333 4.51 -0.55 14.10
C LYS A 333 5.65 -0.95 15.05
N GLU A 334 5.85 -2.25 15.23
CA GLU A 334 6.95 -2.72 16.06
C GLU A 334 8.26 -2.25 15.48
N ARG A 335 9.05 -1.56 16.30
CA ARG A 335 10.34 -0.99 15.95
C ARG A 335 10.24 0.14 14.93
N TRP A 336 9.04 0.65 14.73
CA TRP A 336 8.79 1.56 13.63
C TRP A 336 7.62 2.49 13.98
N PHE A 337 6.90 2.98 12.97
CA PHE A 337 5.96 4.07 13.13
C PHE A 337 4.52 3.74 12.70
N GLY A 338 4.31 2.60 12.06
CA GLY A 338 2.97 2.14 11.73
C GLY A 338 2.47 2.46 10.33
N PHE A 339 3.30 3.11 9.52
CA PHE A 339 2.93 3.38 8.14
C PHE A 339 3.47 2.33 7.20
N ASP A 340 2.83 2.24 6.03
CA ASP A 340 3.26 1.36 4.96
C ASP A 340 4.54 1.88 4.29
N ASP A 341 5.48 0.98 4.09
CA ASP A 341 6.85 1.31 3.72
C ASP A 341 7.50 0.05 3.12
N GLY A 342 7.65 0.06 1.80
CA GLY A 342 8.23 -1.07 1.08
C GLY A 342 9.73 -1.17 1.32
N ILE A 343 10.37 -0.02 1.51
CA ILE A 343 11.83 0.02 1.73
C ILE A 343 12.21 -0.55 3.09
N TYR A 344 11.53 -0.07 4.14
CA TYR A 344 11.67 -0.62 5.49
C TYR A 344 11.30 -2.10 5.56
N SER A 345 10.24 -2.48 4.86
CA SER A 345 9.81 -3.88 4.82
C SER A 345 10.88 -4.77 4.19
N ALA A 346 11.51 -4.27 3.12
CA ALA A 346 12.59 -5.00 2.48
C ALA A 346 13.71 -5.23 3.47
N ALA A 347 14.03 -4.20 4.25
CA ALA A 347 15.08 -4.29 5.24
C ALA A 347 14.75 -5.30 6.33
N ARG A 348 13.49 -5.30 6.81
CA ARG A 348 13.05 -6.28 7.79
C ARG A 348 13.08 -7.71 7.24
N LEU A 349 12.74 -7.88 5.96
CA LEU A 349 12.80 -9.19 5.31
C LEU A 349 14.25 -9.69 5.24
N LEU A 350 15.15 -8.80 4.85
CA LEU A 350 16.56 -9.14 4.75
C LEU A 350 17.16 -9.49 6.10
N GLU A 351 16.70 -8.83 7.16
CA GLU A 351 17.17 -9.14 8.49
C GLU A 351 16.86 -10.61 8.83
N ILE A 352 15.60 -10.99 8.59
CA ILE A 352 15.09 -12.31 8.92
C ILE A 352 15.75 -13.38 8.05
N LEU A 353 15.82 -13.15 6.76
CA LEU A 353 16.40 -14.13 5.83
C LEU A 353 17.89 -14.37 6.10
N SER A 354 18.59 -13.30 6.51
CA SER A 354 20.04 -13.38 6.76
C SER A 354 20.38 -14.23 7.99
N GLN A 355 19.42 -14.37 8.91
CA GLN A 355 19.58 -15.20 10.11
C GLN A 355 19.25 -16.67 9.87
N ASP A 356 18.78 -16.98 8.67
CA ASP A 356 18.45 -18.34 8.29
C ASP A 356 19.53 -18.93 7.39
N GLN A 357 19.95 -20.16 7.69
CA GLN A 357 20.97 -20.83 6.90
C GLN A 357 20.42 -21.30 5.54
N ARG A 358 19.10 -21.52 5.47
CA ARG A 358 18.46 -21.93 4.21
C ARG A 358 18.33 -20.76 3.24
N ASP A 359 18.13 -21.08 1.96
CA ASP A 359 17.89 -20.05 0.96
C ASP A 359 16.43 -19.55 1.05
N SER A 360 16.16 -18.41 0.42
CA SER A 360 14.83 -17.78 0.51
C SER A 360 13.71 -18.68 -0.04
N GLU A 361 14.02 -19.48 -1.06
CA GLU A 361 13.02 -20.39 -1.63
C GLU A 361 12.52 -21.36 -0.57
N HIS A 362 13.43 -21.90 0.24
CA HIS A 362 13.08 -22.90 1.23
C HIS A 362 12.46 -22.30 2.50
N VAL A 363 12.87 -21.10 2.87
CA VAL A 363 12.23 -20.40 3.99
C VAL A 363 10.72 -20.23 3.70
N PHE A 364 10.37 -19.74 2.52
CA PHE A 364 8.97 -19.49 2.19
C PHE A 364 8.18 -20.76 1.84
N SER A 365 8.83 -21.75 1.24
CA SER A 365 8.11 -22.96 0.82
C SER A 365 7.70 -23.83 2.02
N ALA A 366 8.31 -23.59 3.18
CA ALA A 366 8.01 -24.34 4.39
C ALA A 366 6.60 -24.06 4.92
N PHE A 367 6.05 -22.87 4.64
CA PHE A 367 4.70 -22.51 5.06
C PHE A 367 3.64 -23.23 4.22
N PRO A 368 2.48 -23.55 4.81
CA PRO A 368 1.42 -24.22 4.05
C PRO A 368 0.98 -23.36 2.88
N SER A 369 0.56 -24.02 1.82
CA SER A 369 0.10 -23.35 0.62
C SER A 369 -1.24 -23.95 0.17
N ASP A 370 -2.08 -23.09 -0.40
CA ASP A 370 -3.31 -23.53 -1.04
C ASP A 370 -3.29 -23.14 -2.49
N ILE A 371 -4.26 -23.67 -3.23
CA ILE A 371 -4.49 -23.30 -4.61
C ILE A 371 -5.26 -21.99 -4.61
N SER A 372 -4.73 -20.97 -5.29
CA SER A 372 -5.44 -19.70 -5.33
C SER A 372 -5.49 -19.11 -6.74
N THR A 373 -6.40 -18.14 -6.89
CA THR A 373 -6.57 -17.41 -8.14
C THR A 373 -5.76 -16.16 -8.01
N PRO A 374 -5.42 -15.56 -9.13
CA PRO A 374 -4.98 -14.16 -9.11
C PRO A 374 -6.24 -13.30 -8.92
N GLU A 375 -6.11 -12.14 -8.29
CA GLU A 375 -7.20 -11.17 -8.25
C GLU A 375 -7.97 -11.17 -9.59
N ILE A 376 -9.29 -11.31 -9.50
CA ILE A 376 -10.20 -11.24 -10.65
C ILE A 376 -10.90 -9.88 -10.61
N ASN A 377 -11.11 -9.28 -11.78
CA ASN A 377 -11.75 -7.98 -11.88
C ASN A 377 -12.91 -8.07 -12.88
N ILE A 378 -14.08 -7.57 -12.49
CA ILE A 378 -15.24 -7.45 -13.39
C ILE A 378 -15.62 -5.97 -13.47
N THR A 379 -15.62 -5.40 -14.68
CA THR A 379 -15.93 -3.98 -14.83
C THR A 379 -17.45 -3.80 -14.82
N VAL A 380 -17.91 -2.96 -13.91
CA VAL A 380 -19.32 -2.63 -13.79
C VAL A 380 -19.44 -1.12 -14.04
N THR A 381 -20.07 -0.34 -13.17
CA THR A 381 -20.03 1.13 -13.24
C THR A 381 -19.73 1.75 -11.89
N GLU A 382 -19.22 2.98 -11.91
CA GLU A 382 -18.83 3.63 -10.67
C GLU A 382 -20.05 3.86 -9.77
N ASP A 383 -21.20 4.08 -10.40
CA ASP A 383 -22.42 4.44 -9.69
C ASP A 383 -23.31 3.23 -9.39
N SER A 384 -22.86 2.03 -9.78
CA SER A 384 -23.58 0.79 -9.49
C SER A 384 -22.79 -0.23 -8.66
N LYS A 385 -21.48 -0.05 -8.54
CA LYS A 385 -20.65 -1.05 -7.87
C LYS A 385 -21.06 -1.24 -6.40
N PHE A 386 -21.33 -0.16 -5.66
CA PHE A 386 -21.69 -0.32 -4.26
C PHE A 386 -23.07 -0.96 -4.11
N ALA A 387 -23.98 -0.65 -5.03
CA ALA A 387 -25.31 -1.21 -4.99
C ALA A 387 -25.32 -2.72 -5.28
N ILE A 388 -24.39 -3.21 -6.10
CA ILE A 388 -24.28 -4.66 -6.32
C ILE A 388 -23.87 -5.35 -5.01
N ILE A 389 -22.87 -4.78 -4.33
CA ILE A 389 -22.45 -5.29 -3.01
C ILE A 389 -23.60 -5.25 -2.00
N GLU A 390 -24.33 -4.14 -1.96
CA GLU A 390 -25.43 -4.01 -1.00
C GLU A 390 -26.48 -5.06 -1.26
N ALA A 391 -26.79 -5.33 -2.53
CA ALA A 391 -27.77 -6.36 -2.88
C ALA A 391 -27.30 -7.74 -2.46
N LEU A 392 -26.02 -8.05 -2.68
CA LEU A 392 -25.46 -9.31 -2.19
C LEU A 392 -25.57 -9.41 -0.67
N GLN A 393 -25.24 -8.33 0.03
CA GLN A 393 -25.31 -8.30 1.49
C GLN A 393 -26.73 -8.45 2.02
N ARG A 394 -27.72 -7.98 1.25
CA ARG A 394 -29.13 -8.14 1.58
C ARG A 394 -29.66 -9.52 1.22
N ASP A 395 -29.41 -9.96 -0.01
CA ASP A 395 -30.18 -11.05 -0.65
C ASP A 395 -29.44 -12.39 -0.71
N ALA A 396 -28.12 -12.39 -0.70
CA ALA A 396 -27.37 -13.56 -1.14
C ALA A 396 -27.43 -14.70 -0.13
N GLN A 397 -27.37 -15.93 -0.65
CA GLN A 397 -27.27 -17.16 0.11
C GLN A 397 -25.94 -17.83 -0.24
N TRP A 398 -25.12 -18.11 0.77
CA TRP A 398 -23.73 -18.57 0.57
C TRP A 398 -23.49 -20.02 1.00
N GLY A 399 -24.52 -20.67 1.50
CA GLY A 399 -24.39 -22.00 2.07
C GLY A 399 -23.70 -21.86 3.42
N GLU A 400 -23.33 -22.99 4.00
CA GLU A 400 -22.70 -23.01 5.32
C GLU A 400 -21.30 -22.42 5.23
N GLY A 401 -21.01 -21.47 6.10
CA GLY A 401 -19.72 -20.82 6.11
C GLY A 401 -19.72 -19.59 7.00
N ASN A 402 -18.53 -19.09 7.31
CA ASN A 402 -18.38 -17.87 8.09
C ASN A 402 -18.38 -16.68 7.13
N ILE A 403 -19.42 -15.86 7.22
CA ILE A 403 -19.63 -14.74 6.32
C ILE A 403 -19.14 -13.47 6.99
N THR A 404 -18.30 -12.73 6.28
CA THR A 404 -17.78 -11.43 6.72
C THR A 404 -18.23 -10.37 5.72
N THR A 405 -18.91 -9.33 6.19
CA THR A 405 -19.35 -8.25 5.31
C THR A 405 -18.68 -6.90 5.62
N LEU A 406 -17.54 -6.91 6.30
CA LEU A 406 -16.90 -5.63 6.62
C LEU A 406 -16.39 -4.91 5.38
N ASP A 407 -16.08 -5.68 4.33
CA ASP A 407 -15.71 -5.14 3.02
C ASP A 407 -16.19 -6.08 1.90
N GLY A 408 -17.37 -5.81 1.38
CA GLY A 408 -18.00 -6.69 0.41
C GLY A 408 -18.61 -7.89 1.12
N VAL A 409 -18.45 -9.06 0.52
CA VAL A 409 -18.81 -10.32 1.15
C VAL A 409 -17.65 -11.27 0.99
N ARG A 410 -17.10 -11.73 2.11
CA ARG A 410 -16.15 -12.83 2.12
C ARG A 410 -16.79 -14.00 2.86
N VAL A 411 -16.69 -15.19 2.30
CA VAL A 411 -17.19 -16.39 2.97
C VAL A 411 -16.06 -17.38 3.13
N ASP A 412 -15.84 -17.83 4.36
CA ASP A 412 -14.80 -18.79 4.69
C ASP A 412 -15.42 -20.13 4.95
N TYR A 413 -15.04 -21.10 4.13
CA TYR A 413 -15.55 -22.46 4.18
C TYR A 413 -14.48 -23.35 4.82
N PRO A 414 -14.84 -24.57 5.24
CA PRO A 414 -13.86 -25.51 5.80
C PRO A 414 -12.60 -25.70 4.93
N LYS A 415 -12.75 -25.77 3.61
CA LYS A 415 -11.63 -26.08 2.73
C LYS A 415 -11.20 -24.94 1.80
N GLY A 416 -11.78 -23.76 1.99
CA GLY A 416 -11.39 -22.61 1.20
C GLY A 416 -12.25 -21.39 1.44
N TRP A 417 -12.02 -20.35 0.66
CA TRP A 417 -12.81 -19.13 0.79
C TRP A 417 -12.97 -18.39 -0.54
N GLY A 418 -13.93 -17.48 -0.56
CA GLY A 418 -14.17 -16.60 -1.69
C GLY A 418 -14.49 -15.20 -1.21
N LEU A 419 -14.25 -14.23 -2.09
CA LEU A 419 -14.46 -12.83 -1.80
C LEU A 419 -14.99 -12.12 -3.03
N VAL A 420 -15.95 -11.23 -2.81
CA VAL A 420 -16.34 -10.24 -3.80
C VAL A 420 -16.48 -8.89 -3.11
N ARG A 421 -15.78 -7.88 -3.62
CA ARG A 421 -15.92 -6.53 -3.08
C ARG A 421 -15.80 -5.49 -4.20
N ALA A 422 -16.23 -4.27 -3.91
CA ALA A 422 -16.05 -3.15 -4.81
C ALA A 422 -14.67 -2.53 -4.64
N SER A 423 -13.95 -2.33 -5.75
CA SER A 423 -12.76 -1.50 -5.78
C SER A 423 -13.11 -0.06 -5.43
N ASN A 424 -12.24 0.58 -4.66
CA ASN A 424 -12.30 2.02 -4.43
C ASN A 424 -11.25 2.83 -5.23
N THR A 425 -10.63 2.20 -6.23
CA THR A 425 -9.72 2.91 -7.17
C THR A 425 -10.14 2.82 -8.62
N THR A 426 -11.06 1.89 -8.92
CA THR A 426 -11.58 1.64 -10.26
C THR A 426 -13.06 1.25 -10.19
N PRO A 427 -13.79 1.36 -11.30
CA PRO A 427 -15.19 0.94 -11.39
C PRO A 427 -15.43 -0.57 -11.56
N VAL A 428 -14.88 -1.35 -10.65
CA VAL A 428 -14.85 -2.80 -10.82
C VAL A 428 -15.20 -3.54 -9.55
N LEU A 429 -15.72 -4.74 -9.70
CA LEU A 429 -15.77 -5.72 -8.63
C LEU A 429 -14.48 -6.52 -8.64
N VAL A 430 -13.96 -6.79 -7.46
CA VAL A 430 -12.75 -7.54 -7.25
C VAL A 430 -13.11 -8.84 -6.53
N LEU A 431 -12.63 -9.96 -7.04
CA LEU A 431 -12.86 -11.28 -6.48
C LEU A 431 -11.53 -12.04 -6.27
N ARG A 432 -11.53 -12.92 -5.28
CA ARG A 432 -10.42 -13.85 -5.04
C ARG A 432 -10.99 -15.14 -4.49
N PHE A 433 -10.36 -16.25 -4.85
CA PHE A 433 -10.75 -17.56 -4.37
C PHE A 433 -9.50 -18.35 -4.02
N GLU A 434 -9.63 -19.17 -2.99
CA GLU A 434 -8.57 -20.08 -2.59
C GLU A 434 -9.20 -21.33 -1.98
N ALA A 435 -8.58 -22.47 -2.23
CA ALA A 435 -9.04 -23.72 -1.64
C ALA A 435 -7.90 -24.74 -1.66
N ASP A 436 -8.07 -25.82 -0.92
CA ASP A 436 -7.00 -26.80 -0.85
C ASP A 436 -7.07 -27.84 -1.98
N THR A 437 -8.16 -27.85 -2.73
CA THR A 437 -8.27 -28.66 -3.96
C THR A 437 -8.91 -27.87 -5.11
N GLU A 438 -8.64 -28.32 -6.33
CA GLU A 438 -9.23 -27.74 -7.53
C GLU A 438 -10.74 -27.92 -7.51
N GLU A 439 -11.19 -29.08 -7.02
CA GLU A 439 -12.61 -29.36 -6.88
C GLU A 439 -13.31 -28.33 -5.99
N GLU A 440 -12.70 -28.05 -4.85
CA GLU A 440 -13.29 -27.12 -3.90
C GLU A 440 -13.27 -25.68 -4.46
N LEU A 441 -12.18 -25.32 -5.14
CA LEU A 441 -12.08 -23.99 -5.77
C LEU A 441 -13.22 -23.79 -6.75
N GLU A 442 -13.55 -24.83 -7.50
CA GLU A 442 -14.63 -24.75 -8.48
C GLU A 442 -15.99 -24.68 -7.79
N ARG A 443 -16.16 -25.39 -6.68
CA ARG A 443 -17.40 -25.33 -5.93
C ARG A 443 -17.66 -23.91 -5.41
N ILE A 444 -16.64 -23.28 -4.84
CA ILE A 444 -16.80 -21.94 -4.27
C ILE A 444 -17.07 -20.93 -5.40
N LYS A 445 -16.31 -21.03 -6.49
CA LYS A 445 -16.53 -20.20 -7.66
C LYS A 445 -17.97 -20.27 -8.16
N THR A 446 -18.55 -21.47 -8.14
CA THR A 446 -19.91 -21.68 -8.64
C THR A 446 -20.91 -21.00 -7.70
N VAL A 447 -20.66 -21.09 -6.41
CA VAL A 447 -21.48 -20.37 -5.43
C VAL A 447 -21.48 -18.89 -5.76
N PHE A 448 -20.32 -18.31 -5.99
CA PHE A 448 -20.24 -16.86 -6.17
C PHE A 448 -20.83 -16.46 -7.52
N ARG A 449 -20.58 -17.29 -8.52
CA ARG A 449 -21.11 -17.06 -9.86
C ARG A 449 -22.64 -16.97 -9.80
N ASN A 450 -23.25 -17.93 -9.08
CA ASN A 450 -24.70 -18.01 -9.00
C ASN A 450 -25.30 -16.89 -8.16
N GLN A 451 -24.57 -16.44 -7.14
CA GLN A 451 -25.07 -15.33 -6.33
C GLN A 451 -25.03 -13.99 -7.08
N LEU A 452 -23.98 -13.77 -7.87
CA LEU A 452 -23.89 -12.60 -8.71
C LEU A 452 -24.99 -12.60 -9.77
N LYS A 453 -25.23 -13.74 -10.38
CA LYS A 453 -26.27 -13.87 -11.41
C LYS A 453 -27.67 -13.65 -10.82
N ALA A 454 -27.85 -14.04 -9.57
CA ALA A 454 -29.11 -13.81 -8.86
C ALA A 454 -29.38 -12.29 -8.68
N VAL A 455 -28.33 -11.51 -8.49
CA VAL A 455 -28.47 -10.05 -8.39
C VAL A 455 -28.73 -9.41 -9.76
N ASP A 456 -27.93 -9.80 -10.75
CA ASP A 456 -28.05 -9.27 -12.12
C ASP A 456 -27.61 -10.38 -13.07
N SER A 457 -28.58 -11.03 -13.73
CA SER A 457 -28.29 -12.18 -14.59
C SER A 457 -27.41 -11.83 -15.81
N SER A 458 -27.30 -10.53 -16.09
CA SER A 458 -26.43 -10.03 -17.16
C SER A 458 -24.98 -9.80 -16.74
N LEU A 459 -24.70 -9.80 -15.44
CA LEU A 459 -23.33 -9.56 -14.95
C LEU A 459 -22.40 -10.60 -15.57
N PRO A 460 -21.24 -10.15 -16.07
CA PRO A 460 -20.25 -11.10 -16.55
C PRO A 460 -19.66 -11.88 -15.37
N VAL A 461 -19.33 -13.14 -15.63
CA VAL A 461 -18.70 -13.97 -14.62
C VAL A 461 -17.52 -14.68 -15.30
N PRO A 462 -16.39 -13.97 -15.38
CA PRO A 462 -15.22 -14.44 -16.14
C PRO A 462 -14.29 -15.26 -15.26
N PHE A 463 -14.86 -16.11 -14.42
CA PHE A 463 -14.10 -17.05 -13.61
C PHE A 463 -14.89 -18.35 -13.56
#